data_4C4P
#
_entry.id   4C4P
#
_cell.length_a   64.560
_cell.length_b   64.560
_cell.length_c   112.860
_cell.angle_alpha   90.00
_cell.angle_beta   90.00
_cell.angle_gamma   120.00
#
_symmetry.space_group_name_H-M   'P 31 2 1'
#
loop_
_entity.id
_entity.type
_entity.pdbx_description
1 polymer 'RAS-RELATED PROTEIN RAB-11A'
2 polymer 'RAB11 FAMILY-INTERACTING PROTEIN 2'
3 non-polymer 'PHOSPHOAMINOPHOSPHONIC ACID-GUANYLATE ESTER'
4 non-polymer 'MAGNESIUM ION'
5 water water
#
loop_
_entity_poly.entity_id
_entity_poly.type
_entity_poly.pdbx_seq_one_letter_code
_entity_poly.pdbx_strand_id
1 'polypeptide(L)'
;MGTRDDEYDYLFKVVLIGDSGVGKSNLLSRFTRNEFNLESKSTIGVEFATRSIQVDGKTIKAQIWDTAGQERYRAITSAY
YRGAVGALLVYDIAKHLTYENVERWLKELRDHADSNIVIMLVGNKSDLRHLRAVPTDEARAFAEKNGLSFIETSALDSTN
VEAAFQTILTEIY
;
A
2 'polypeptide(L)'
;GAMAAKFRASNIMPSSSFHMSPTSNEDLRKIPDSNPFDATAGYRSLTYEEVLQELVKHKELLRRKDTHIRELEDYIDNLL
VRVMEETPSILRVPYEPSRKAGKFSNS
;
B
#
# COMPACT_ATOMS: atom_id res chain seq x y z
N GLU A 7 16.52 17.23 14.17
CA GLU A 7 16.65 17.02 12.74
C GLU A 7 17.09 15.56 12.49
N TYR A 8 17.98 15.35 11.52
CA TYR A 8 18.22 14.03 10.96
C TYR A 8 19.39 14.09 10.00
N ASP A 9 20.06 12.97 9.82
CA ASP A 9 21.16 12.88 8.87
C ASP A 9 20.58 12.67 7.47
N TYR A 10 19.41 12.06 7.41
CA TYR A 10 18.79 11.71 6.13
C TYR A 10 17.27 11.74 6.16
N LEU A 11 16.69 12.15 5.04
CA LEU A 11 15.25 12.10 4.83
C LEU A 11 15.01 11.16 3.64
N PHE A 12 14.37 10.03 3.91
CA PHE A 12 14.13 9.03 2.86
C PHE A 12 12.64 8.83 2.63
N LYS A 13 12.21 9.01 1.38
CA LYS A 13 10.84 8.73 1.00
C LYS A 13 10.70 7.27 0.61
N VAL A 14 9.78 6.58 1.28
CA VAL A 14 9.50 5.17 1.02
C VAL A 14 8.02 5.04 0.66
N VAL A 15 7.72 4.23 -0.33
CA VAL A 15 6.33 3.98 -0.72
C VAL A 15 5.92 2.55 -0.43
N LEU A 16 4.66 2.39 -0.05
CA LEU A 16 4.08 1.07 0.14
C LEU A 16 3.23 0.75 -1.08
N ILE A 17 3.44 -0.44 -1.63
CA ILE A 17 2.65 -0.89 -2.76
C ILE A 17 2.31 -2.36 -2.62
N GLY A 18 1.29 -2.79 -3.34
CA GLY A 18 0.80 -4.16 -3.25
C GLY A 18 -0.70 -4.16 -3.33
N ASP A 19 -1.28 -5.34 -3.54
CA ASP A 19 -2.73 -5.48 -3.70
C ASP A 19 -3.50 -4.90 -2.54
N SER A 20 -4.73 -4.47 -2.81
CA SER A 20 -5.65 -4.07 -1.76
C SER A 20 -5.84 -5.22 -0.79
N GLY A 21 -5.79 -4.91 0.51
CA GLY A 21 -6.09 -5.88 1.54
C GLY A 21 -4.90 -6.60 2.14
N VAL A 22 -3.70 -6.38 1.61
CA VAL A 22 -2.52 -7.13 2.06
C VAL A 22 -1.96 -6.63 3.39
N GLY A 23 -2.32 -5.41 3.78
CA GLY A 23 -1.94 -4.88 5.08
C GLY A 23 -0.96 -3.71 5.05
N LYS A 24 -0.90 -3.01 3.92
CA LYS A 24 0.02 -1.89 3.78
C LYS A 24 -0.19 -0.81 4.85
N SER A 25 -1.44 -0.40 5.02
CA SER A 25 -1.76 0.68 5.95
C SER A 25 -1.48 0.29 7.40
N ASN A 26 -1.65 -1.00 7.72
CA ASN A 26 -1.37 -1.47 9.07
C ASN A 26 0.12 -1.68 9.33
N LEU A 27 0.89 -1.92 8.28
CA LEU A 27 2.34 -1.92 8.39
C LEU A 27 2.81 -0.50 8.69
N LEU A 28 2.18 0.46 8.04
CA LEU A 28 2.50 1.87 8.28
C LEU A 28 2.16 2.28 9.71
N SER A 29 0.96 1.93 10.16
CA SER A 29 0.50 2.35 11.47
C SER A 29 1.30 1.64 12.56
N ARG A 30 1.65 0.38 12.32
CA ARG A 30 2.45 -0.38 13.28
C ARG A 30 3.85 0.22 13.42
N PHE A 31 4.48 0.52 12.29
CA PHE A 31 5.85 1.06 12.32
C PHE A 31 5.91 2.46 12.95
N THR A 32 4.97 3.32 12.56
CA THR A 32 5.05 4.72 12.95
C THR A 32 4.44 5.00 14.34
N ARG A 33 3.49 4.16 14.76
CA ARG A 33 2.76 4.41 16.00
C ARG A 33 2.57 3.17 16.87
N ASN A 34 3.06 2.02 16.42
CA ASN A 34 2.82 0.76 17.12
C ASN A 34 1.32 0.53 17.30
N GLU A 35 0.55 0.87 16.26
CA GLU A 35 -0.90 0.68 16.26
C GLU A 35 -1.33 -0.25 15.14
N PHE A 36 -2.35 -1.06 15.43
CA PHE A 36 -2.93 -1.97 14.46
C PHE A 36 -4.44 -1.90 14.54
N ASN A 37 -5.10 -1.96 13.39
CA ASN A 37 -6.56 -1.89 13.33
C ASN A 37 -7.12 -3.03 12.48
N LEU A 38 -7.89 -3.89 13.16
CA LEU A 38 -8.43 -5.10 12.56
C LEU A 38 -9.54 -4.77 11.56
N GLU A 39 -10.20 -3.63 11.76
CA GLU A 39 -11.33 -3.23 10.93
C GLU A 39 -10.95 -2.10 9.97
N SER A 40 -9.68 -2.05 9.58
CA SER A 40 -9.24 -1.03 8.65
CA SER A 40 -9.18 -1.07 8.63
C SER A 40 -9.83 -1.27 7.26
N LYS A 41 -10.21 -0.18 6.60
CA LYS A 41 -10.80 -0.23 5.28
C LYS A 41 -9.80 0.22 4.24
N SER A 42 -10.13 -0.02 2.98
CA SER A 42 -9.27 0.38 1.87
C SER A 42 -8.97 1.87 1.95
N THR A 43 -7.71 2.21 1.73
CA THR A 43 -7.24 3.58 1.87
C THR A 43 -7.84 4.48 0.81
N ILE A 44 -8.40 5.61 1.24
CA ILE A 44 -8.88 6.62 0.31
C ILE A 44 -7.78 7.65 0.10
N GLY A 45 -7.59 8.04 -1.16
CA GLY A 45 -6.60 9.03 -1.51
C GLY A 45 -5.17 8.59 -1.29
N VAL A 46 -4.35 9.54 -0.86
CA VAL A 46 -2.93 9.34 -0.64
C VAL A 46 -2.54 10.06 0.63
N GLU A 47 -1.63 9.46 1.39
CA GLU A 47 -1.18 10.06 2.63
C GLU A 47 0.21 9.52 2.96
N PHE A 48 0.87 10.17 3.91
CA PHE A 48 2.12 9.66 4.44
C PHE A 48 2.23 9.94 5.92
N ALA A 49 3.07 9.17 6.58
CA ALA A 49 3.38 9.38 7.98
C ALA A 49 4.88 9.23 8.12
N THR A 50 5.43 9.92 9.11
CA THR A 50 6.88 9.97 9.31
CA THR A 50 6.87 9.94 9.29
C THR A 50 7.29 9.27 10.60
N ARG A 51 8.48 8.71 10.57
CA ARG A 51 9.11 8.21 11.79
C ARG A 51 10.61 8.35 11.66
N SER A 52 11.22 8.90 12.71
CA SER A 52 12.67 9.00 12.78
C SER A 52 13.21 7.78 13.52
N ILE A 53 14.27 7.19 12.98
CA ILE A 53 14.89 6.04 13.62
C ILE A 53 16.41 6.06 13.58
N GLN A 54 16.99 5.44 14.60
CA GLN A 54 18.44 5.24 14.68
C GLN A 54 18.91 3.93 14.08
N VAL A 55 19.52 4.05 12.92
CA VAL A 55 20.13 2.89 12.28
C VAL A 55 21.53 3.20 11.78
N ASP A 56 22.45 2.32 12.17
CA ASP A 56 23.86 2.40 11.78
C ASP A 56 24.51 3.67 12.30
N GLY A 57 24.05 4.13 13.46
CA GLY A 57 24.60 5.33 14.08
C GLY A 57 24.16 6.59 13.39
N LYS A 58 23.17 6.47 12.50
CA LYS A 58 22.61 7.62 11.80
C LYS A 58 21.12 7.77 12.10
N THR A 59 20.65 9.02 12.10
CA THR A 59 19.24 9.38 12.33
CA THR A 59 19.24 9.29 12.33
C THR A 59 18.53 9.55 11.00
N ILE A 60 17.64 8.62 10.68
CA ILE A 60 16.89 8.67 9.43
C ILE A 60 15.44 9.02 9.68
N LYS A 61 15.00 10.10 9.04
CA LYS A 61 13.59 10.45 9.02
C LYS A 61 12.98 9.71 7.85
N ALA A 62 12.15 8.72 8.14
CA ALA A 62 11.51 7.92 7.11
C ALA A 62 10.16 8.54 6.78
N GLN A 63 9.97 8.91 5.53
CA GLN A 63 8.70 9.49 5.07
C GLN A 63 7.96 8.42 4.29
N ILE A 64 7.00 7.77 4.94
CA ILE A 64 6.36 6.57 4.39
C ILE A 64 5.00 6.87 3.77
N TRP A 65 4.90 6.71 2.46
CA TRP A 65 3.67 7.02 1.73
C TRP A 65 2.77 5.80 1.57
N ASP A 66 1.47 6.05 1.50
CA ASP A 66 0.48 4.99 1.47
C ASP A 66 -0.68 5.38 0.56
N THR A 67 -1.24 4.40 -0.12
CA THR A 67 -2.41 4.58 -0.95
C THR A 67 -2.99 3.19 -1.23
N ALA A 68 -4.25 3.13 -1.64
CA ALA A 68 -4.87 1.83 -1.92
C ALA A 68 -4.21 1.18 -3.12
N GLY A 69 -4.19 -0.15 -3.11
CA GLY A 69 -3.63 -0.92 -4.22
C GLY A 69 -4.71 -1.59 -5.05
N GLN A 70 -5.89 -0.97 -5.06
CA GLN A 70 -7.01 -1.51 -5.83
CA GLN A 70 -7.02 -1.48 -5.83
C GLN A 70 -6.72 -1.37 -7.32
N GLU A 71 -6.05 -0.29 -7.68
CA GLU A 71 -5.69 -0.03 -9.06
C GLU A 71 -4.20 0.26 -9.18
N ARG A 72 -3.57 -0.38 -10.15
CA ARG A 72 -2.13 -0.32 -10.28
C ARG A 72 -1.68 1.09 -10.63
N TYR A 73 -2.29 1.65 -11.68
CA TYR A 73 -1.90 2.97 -12.16
C TYR A 73 -3.02 3.97 -12.05
N ARG A 74 -2.70 5.15 -11.51
CA ARG A 74 -3.66 6.22 -11.35
C ARG A 74 -2.98 7.55 -11.68
N ALA A 75 -3.75 8.62 -11.69
CA ALA A 75 -3.20 9.95 -11.96
C ALA A 75 -2.12 10.31 -10.94
N ILE A 76 -2.24 9.76 -9.73
CA ILE A 76 -1.29 10.08 -8.65
C ILE A 76 -0.02 9.23 -8.66
N THR A 77 0.05 8.26 -9.56
CA THR A 77 1.13 7.27 -9.49
C THR A 77 2.53 7.86 -9.67
N SER A 78 2.69 8.74 -10.65
CA SER A 78 4.01 9.35 -10.90
CA SER A 78 4.00 9.36 -10.90
C SER A 78 4.47 10.16 -9.69
N ALA A 79 3.60 11.03 -9.16
CA ALA A 79 3.94 11.83 -8.00
C ALA A 79 4.20 10.96 -6.77
N TYR A 80 3.49 9.84 -6.71
CA TYR A 80 3.61 8.90 -5.59
C TYR A 80 5.02 8.32 -5.55
N TYR A 81 5.52 7.91 -6.72
CA TYR A 81 6.86 7.32 -6.84
C TYR A 81 7.98 8.36 -6.91
N ARG A 82 7.63 9.61 -7.21
CA ARG A 82 8.65 10.64 -7.43
C ARG A 82 9.47 10.88 -6.17
N GLY A 83 10.79 10.77 -6.31
CA GLY A 83 11.70 11.01 -5.21
C GLY A 83 11.75 9.87 -4.21
N ALA A 84 11.00 8.81 -4.46
CA ALA A 84 11.02 7.65 -3.57
C ALA A 84 12.30 6.86 -3.79
N VAL A 85 12.98 6.54 -2.70
CA VAL A 85 14.25 5.82 -2.75
C VAL A 85 14.09 4.41 -2.19
N GLY A 86 12.92 4.13 -1.63
CA GLY A 86 12.62 2.81 -1.12
C GLY A 86 11.18 2.43 -1.40
N ALA A 87 10.92 1.14 -1.53
CA ALA A 87 9.56 0.64 -1.70
C ALA A 87 9.36 -0.69 -0.97
N LEU A 88 8.27 -0.79 -0.20
CA LEU A 88 7.84 -2.07 0.33
C LEU A 88 6.77 -2.64 -0.58
N LEU A 89 7.09 -3.75 -1.23
CA LEU A 89 6.17 -4.44 -2.11
C LEU A 89 5.56 -5.60 -1.34
N VAL A 90 4.29 -5.43 -0.98
CA VAL A 90 3.65 -6.28 0.02
C VAL A 90 2.61 -7.21 -0.59
N TYR A 91 2.63 -8.47 -0.16
CA TYR A 91 1.57 -9.41 -0.46
C TYR A 91 1.09 -10.09 0.82
N ASP A 92 0.00 -10.83 0.70
CA ASP A 92 -0.63 -11.52 1.82
C ASP A 92 -0.27 -13.00 1.72
N ILE A 93 0.45 -13.53 2.70
CA ILE A 93 0.89 -14.92 2.66
C ILE A 93 -0.28 -15.90 2.61
N ALA A 94 -1.46 -15.43 3.00
CA ALA A 94 -2.67 -16.25 3.05
C ALA A 94 -3.50 -16.16 1.77
N LYS A 95 -3.06 -15.35 0.81
CA LYS A 95 -3.78 -15.16 -0.45
C LYS A 95 -2.81 -15.22 -1.61
N HIS A 96 -2.75 -16.35 -2.30
CA HIS A 96 -1.76 -16.57 -3.34
C HIS A 96 -1.91 -15.58 -4.49
N LEU A 97 -3.13 -15.10 -4.72
CA LEU A 97 -3.39 -14.14 -5.77
C LEU A 97 -2.57 -12.86 -5.56
N THR A 98 -2.45 -12.43 -4.32
CA THR A 98 -1.72 -11.20 -4.02
C THR A 98 -0.23 -11.39 -4.31
N TYR A 99 0.24 -12.64 -4.19
CA TYR A 99 1.62 -12.95 -4.53
C TYR A 99 1.82 -13.03 -6.04
N GLU A 100 0.85 -13.62 -6.75
CA GLU A 100 0.92 -13.69 -8.21
C GLU A 100 1.06 -12.30 -8.81
N ASN A 101 0.39 -11.32 -8.18
CA ASN A 101 0.39 -9.95 -8.69
C ASN A 101 1.68 -9.18 -8.41
N VAL A 102 2.57 -9.77 -7.63
CA VAL A 102 3.84 -9.11 -7.29
C VAL A 102 4.63 -8.70 -8.53
N GLU A 103 4.68 -9.58 -9.53
CA GLU A 103 5.42 -9.26 -10.76
C GLU A 103 4.78 -8.08 -11.51
N ARG A 104 3.48 -7.90 -11.35
CA ARG A 104 2.79 -6.79 -12.01
CA ARG A 104 2.77 -6.79 -11.99
C ARG A 104 3.10 -5.47 -11.30
N TRP A 105 3.22 -5.51 -9.97
CA TRP A 105 3.60 -4.34 -9.20
C TRP A 105 5.05 -4.00 -9.48
N LEU A 106 5.87 -5.03 -9.67
CA LEU A 106 7.27 -4.83 -9.96
C LEU A 106 7.41 -4.09 -11.29
N LYS A 107 6.55 -4.44 -12.22
CA LYS A 107 6.57 -3.79 -13.52
C LYS A 107 6.14 -2.33 -13.38
N GLU A 108 5.18 -2.07 -12.51
CA GLU A 108 4.72 -0.70 -12.30
CA GLU A 108 4.72 -0.70 -12.30
C GLU A 108 5.86 0.15 -11.74
N LEU A 109 6.66 -0.44 -10.85
CA LEU A 109 7.86 0.23 -10.33
C LEU A 109 8.82 0.54 -11.44
N ARG A 110 9.17 -0.51 -12.17
CA ARG A 110 10.14 -0.42 -13.23
C ARG A 110 9.73 0.65 -14.24
N ASP A 111 8.41 0.84 -14.39
CA ASP A 111 7.87 1.79 -15.37
C ASP A 111 7.73 3.23 -14.87
N HIS A 112 7.66 3.45 -13.57
CA HIS A 112 7.32 4.78 -13.04
C HIS A 112 8.21 5.28 -11.91
N ALA A 113 9.07 4.41 -11.38
CA ALA A 113 9.98 4.78 -10.29
C ALA A 113 11.43 4.84 -10.76
N ASP A 114 12.29 5.43 -9.93
CA ASP A 114 13.73 5.51 -10.19
C ASP A 114 14.32 4.11 -10.34
N SER A 115 15.25 3.99 -11.28
CA SER A 115 16.05 2.79 -11.49
C SER A 115 16.69 2.22 -10.21
N ASN A 116 17.19 3.11 -9.36
CA ASN A 116 17.90 2.72 -8.14
C ASN A 116 17.04 2.59 -6.88
N ILE A 117 15.72 2.57 -7.04
CA ILE A 117 14.84 2.39 -5.88
C ILE A 117 15.12 1.03 -5.24
N VAL A 118 15.25 1.02 -3.92
CA VAL A 118 15.48 -0.22 -3.19
C VAL A 118 14.14 -0.85 -2.88
N ILE A 119 13.98 -2.10 -3.26
CA ILE A 119 12.71 -2.80 -3.08
C ILE A 119 12.85 -3.94 -2.11
N MET A 120 11.88 -4.01 -1.21
CA MET A 120 11.82 -5.05 -0.20
C MET A 120 10.50 -5.81 -0.37
N LEU A 121 10.59 -7.06 -0.80
CA LEU A 121 9.41 -7.91 -0.90
C LEU A 121 8.98 -8.32 0.49
N VAL A 122 7.71 -8.06 0.81
CA VAL A 122 7.19 -8.30 2.15
C VAL A 122 5.99 -9.24 2.09
N GLY A 123 6.11 -10.40 2.73
CA GLY A 123 4.98 -11.29 2.92
C GLY A 123 4.34 -11.04 4.26
N ASN A 124 3.20 -10.34 4.25
CA ASN A 124 2.53 -9.94 5.48
C ASN A 124 1.46 -10.94 5.91
N LYS A 125 1.00 -10.80 7.15
CA LYS A 125 0.01 -11.70 7.76
C LYS A 125 0.62 -13.08 8.05
N SER A 126 1.86 -13.08 8.54
CA SER A 126 2.55 -14.32 8.90
C SER A 126 1.86 -14.99 10.09
N ASP A 127 1.06 -14.23 10.83
CA ASP A 127 0.30 -14.76 11.95
C ASP A 127 -0.74 -15.79 11.50
N LEU A 128 -1.14 -15.71 10.23
CA LEU A 128 -2.13 -16.64 9.70
C LEU A 128 -1.42 -17.90 9.22
N ARG A 129 -0.75 -18.56 10.15
CA ARG A 129 0.06 -19.73 9.82
CA ARG A 129 0.05 -19.75 9.86
C ARG A 129 -0.79 -20.86 9.26
N HIS A 130 -1.98 -21.06 9.80
CA HIS A 130 -2.84 -22.14 9.38
C HIS A 130 -3.44 -21.93 7.99
N LEU A 131 -3.39 -20.70 7.48
CA LEU A 131 -4.01 -20.36 6.21
C LEU A 131 -2.99 -20.02 5.13
N ARG A 132 -1.72 -20.33 5.39
CA ARG A 132 -0.64 -19.97 4.47
C ARG A 132 -0.87 -20.55 3.07
N ALA A 133 -0.77 -19.68 2.07
CA ALA A 133 -0.97 -20.07 0.67
C ALA A 133 0.30 -19.82 -0.16
N VAL A 134 1.25 -19.10 0.41
CA VAL A 134 2.52 -18.79 -0.25
C VAL A 134 3.68 -19.31 0.61
N PRO A 135 4.26 -20.45 0.21
CA PRO A 135 5.45 -20.93 0.92
C PRO A 135 6.58 -19.91 0.94
N THR A 136 7.23 -19.78 2.09
CA THR A 136 8.33 -18.86 2.28
C THR A 136 9.43 -19.07 1.24
N ASP A 137 9.76 -20.33 0.99
CA ASP A 137 10.85 -20.66 0.08
C ASP A 137 10.55 -20.21 -1.34
N GLU A 138 9.27 -20.30 -1.72
CA GLU A 138 8.84 -19.87 -3.04
C GLU A 138 9.09 -18.38 -3.25
N ALA A 139 8.64 -17.57 -2.29
CA ALA A 139 8.78 -16.12 -2.40
C ALA A 139 10.24 -15.68 -2.25
N ARG A 140 10.99 -16.35 -1.39
CA ARG A 140 12.39 -16.02 -1.19
C ARG A 140 13.17 -16.27 -2.47
N ALA A 141 12.82 -17.35 -3.17
CA ALA A 141 13.49 -17.68 -4.43
C ALA A 141 13.20 -16.62 -5.48
N PHE A 142 11.94 -16.20 -5.56
CA PHE A 142 11.56 -15.14 -6.48
C PHE A 142 12.32 -13.86 -6.19
N ALA A 143 12.41 -13.52 -4.90
CA ALA A 143 13.08 -12.28 -4.48
C ALA A 143 14.55 -12.30 -4.86
N GLU A 144 15.21 -13.43 -4.58
CA GLU A 144 16.61 -13.62 -4.94
C GLU A 144 16.82 -13.41 -6.44
N LYS A 145 16.04 -14.15 -7.23
CA LYS A 145 16.11 -14.07 -8.69
C LYS A 145 15.97 -12.65 -9.20
N ASN A 146 15.19 -11.84 -8.49
CA ASN A 146 14.85 -10.49 -8.93
C ASN A 146 15.63 -9.42 -8.18
N GLY A 147 16.58 -9.85 -7.35
CA GLY A 147 17.45 -8.94 -6.64
C GLY A 147 16.73 -8.11 -5.60
N LEU A 148 15.73 -8.70 -4.97
CA LEU A 148 14.95 -8.03 -3.95
C LEU A 148 15.26 -8.63 -2.58
N SER A 149 15.32 -7.79 -1.56
CA SER A 149 15.35 -8.27 -0.19
CA SER A 149 15.37 -8.30 -0.20
C SER A 149 13.99 -8.86 0.13
N PHE A 150 13.95 -9.78 1.09
CA PHE A 150 12.70 -10.47 1.40
C PHE A 150 12.53 -10.68 2.89
N ILE A 151 11.29 -10.53 3.35
CA ILE A 151 10.97 -10.71 4.75
C ILE A 151 9.49 -11.02 4.90
N GLU A 152 9.16 -11.82 5.90
CA GLU A 152 7.77 -12.05 6.26
C GLU A 152 7.44 -11.28 7.53
N THR A 153 6.29 -10.60 7.51
CA THR A 153 5.87 -9.78 8.64
C THR A 153 4.47 -10.15 9.11
N SER A 154 4.11 -9.60 10.27
CA SER A 154 2.74 -9.59 10.73
C SER A 154 2.48 -8.24 11.38
N ALA A 155 1.69 -7.41 10.71
CA ALA A 155 1.32 -6.12 11.29
C ALA A 155 0.46 -6.37 12.51
N LEU A 156 -0.25 -7.49 12.51
CA LEU A 156 -1.13 -7.85 13.62
C LEU A 156 -0.34 -8.13 14.90
N ASP A 157 0.61 -9.06 14.84
CA ASP A 157 1.37 -9.45 16.03
C ASP A 157 2.74 -8.74 16.12
N SER A 158 3.02 -7.89 15.14
CA SER A 158 4.20 -7.01 15.10
C SER A 158 5.49 -7.64 14.56
N THR A 159 5.47 -8.94 14.29
CA THR A 159 6.69 -9.64 13.85
C THR A 159 7.35 -9.00 12.63
N ASN A 160 8.63 -8.67 12.76
CA ASN A 160 9.46 -8.20 11.64
C ASN A 160 9.06 -6.88 10.99
N VAL A 161 8.08 -6.18 11.56
CA VAL A 161 7.65 -4.91 11.00
C VAL A 161 8.79 -3.89 11.02
N GLU A 162 9.42 -3.69 12.18
CA GLU A 162 10.53 -2.77 12.30
CA GLU A 162 10.52 -2.75 12.28
C GLU A 162 11.71 -3.24 11.45
N ALA A 163 11.97 -4.54 11.48
CA ALA A 163 13.06 -5.13 10.71
C ALA A 163 12.94 -4.82 9.22
N ALA A 164 11.71 -4.90 8.69
CA ALA A 164 11.47 -4.64 7.28
C ALA A 164 11.84 -3.19 6.94
N PHE A 165 11.31 -2.25 7.71
CA PHE A 165 11.60 -0.84 7.48
C PHE A 165 13.06 -0.51 7.75
N GLN A 166 13.63 -1.08 8.82
CA GLN A 166 15.03 -0.88 9.13
C GLN A 166 15.92 -1.33 8.00
N THR A 167 15.59 -2.49 7.44
CA THR A 167 16.39 -3.07 6.39
C THR A 167 16.41 -2.13 5.19
N ILE A 168 15.24 -1.75 4.72
CA ILE A 168 15.16 -0.98 3.49
C ILE A 168 15.83 0.39 3.67
N LEU A 169 15.60 1.01 4.82
CA LEU A 169 16.22 2.29 5.14
C LEU A 169 17.72 2.14 5.16
N THR A 170 18.18 1.05 5.73
CA THR A 170 19.60 0.73 5.73
C THR A 170 20.09 0.61 4.30
N GLU A 171 19.32 -0.04 3.43
CA GLU A 171 19.86 -0.44 2.14
C GLU A 171 19.80 0.70 1.09
N ILE A 172 19.38 1.88 1.52
CA ILE A 172 19.28 3.05 0.64
C ILE A 172 20.56 3.89 0.62
N TYR A 173 21.24 3.96 1.76
CA TYR A 173 22.45 4.76 1.91
C TYR A 173 23.44 4.62 0.76
N TYR B 43 -42.78 -6.93 -0.42
CA TYR B 43 -41.89 -8.05 -0.68
C TYR B 43 -42.60 -9.18 -1.40
N ARG B 44 -43.26 -10.05 -0.64
CA ARG B 44 -43.91 -11.23 -1.21
C ARG B 44 -45.31 -10.91 -1.73
N SER B 45 -45.65 -9.61 -1.70
CA SER B 45 -46.91 -9.12 -2.22
C SER B 45 -46.76 -8.78 -3.70
N LEU B 46 -45.52 -8.63 -4.15
CA LEU B 46 -45.24 -8.32 -5.54
C LEU B 46 -45.39 -9.55 -6.41
N THR B 47 -45.88 -9.35 -7.63
CA THR B 47 -45.93 -10.44 -8.60
C THR B 47 -44.53 -10.71 -9.13
N TYR B 48 -44.41 -11.78 -9.91
CA TYR B 48 -43.16 -12.12 -10.56
C TYR B 48 -42.69 -11.00 -11.48
N GLU B 49 -43.63 -10.45 -12.26
CA GLU B 49 -43.32 -9.36 -13.18
C GLU B 49 -42.85 -8.12 -12.42
N GLU B 50 -43.41 -7.90 -11.23
CA GLU B 50 -43.09 -6.73 -10.43
C GLU B 50 -41.74 -6.79 -9.73
N VAL B 51 -41.28 -7.99 -9.39
CA VAL B 51 -39.95 -8.13 -8.81
C VAL B 51 -38.90 -8.05 -9.92
N LEU B 52 -39.29 -8.48 -11.11
CA LEU B 52 -38.42 -8.38 -12.28
C LEU B 52 -38.13 -6.93 -12.65
N GLN B 53 -39.16 -6.08 -12.63
CA GLN B 53 -39.00 -4.66 -12.93
C GLN B 53 -38.17 -3.97 -11.85
N GLU B 54 -38.31 -4.44 -10.61
CA GLU B 54 -37.57 -3.87 -9.48
C GLU B 54 -36.09 -4.22 -9.59
N LEU B 55 -35.83 -5.44 -10.04
CA LEU B 55 -34.47 -5.90 -10.26
C LEU B 55 -33.82 -5.06 -11.36
N VAL B 56 -34.57 -4.81 -12.42
CA VAL B 56 -34.15 -3.91 -13.49
C VAL B 56 -33.85 -2.52 -12.95
N LYS B 57 -34.73 -2.04 -12.08
CA LYS B 57 -34.64 -0.67 -11.57
C LYS B 57 -33.39 -0.49 -10.71
N HIS B 58 -33.06 -1.53 -9.95
CA HIS B 58 -31.96 -1.47 -9.00
C HIS B 58 -30.61 -1.71 -9.68
N LYS B 59 -30.63 -2.40 -10.82
CA LYS B 59 -29.43 -2.56 -11.63
C LYS B 59 -29.04 -1.24 -12.30
N GLU B 60 -30.04 -0.53 -12.79
CA GLU B 60 -29.86 0.79 -13.41
C GLU B 60 -29.20 1.72 -12.40
N LEU B 61 -29.71 1.61 -11.19
CA LEU B 61 -29.36 2.50 -10.14
C LEU B 61 -27.95 2.28 -9.65
N LEU B 62 -27.62 1.01 -9.53
CA LEU B 62 -26.33 0.60 -9.08
C LEU B 62 -25.25 0.97 -10.10
N ARG B 63 -25.62 0.91 -11.38
CA ARG B 63 -24.75 1.41 -12.45
C ARG B 63 -24.46 2.90 -12.25
N ARG B 64 -25.50 3.65 -11.89
CA ARG B 64 -25.35 5.09 -11.69
C ARG B 64 -24.48 5.38 -10.47
N LYS B 65 -24.59 4.55 -9.44
CA LYS B 65 -23.80 4.73 -8.23
CA LYS B 65 -23.80 4.72 -8.22
C LYS B 65 -22.33 4.41 -8.50
N ASP B 66 -22.09 3.38 -9.30
CA ASP B 66 -20.72 3.03 -9.69
C ASP B 66 -20.10 4.17 -10.49
N THR B 67 -20.86 4.71 -11.43
CA THR B 67 -20.42 5.86 -12.21
C THR B 67 -20.05 7.01 -11.28
N HIS B 68 -20.88 7.25 -10.28
CA HIS B 68 -20.64 8.34 -9.35
C HIS B 68 -19.37 8.11 -8.53
N ILE B 69 -19.18 6.87 -8.08
CA ILE B 69 -17.97 6.52 -7.33
C ILE B 69 -16.72 6.79 -8.16
N ARG B 70 -16.77 6.45 -9.45
CA ARG B 70 -15.61 6.67 -10.34
C ARG B 70 -15.34 8.17 -10.51
N GLU B 71 -16.40 8.95 -10.59
CA GLU B 71 -16.28 10.39 -10.69
C GLU B 71 -15.63 10.96 -9.43
N LEU B 72 -16.02 10.45 -8.28
CA LEU B 72 -15.45 10.91 -7.02
C LEU B 72 -13.98 10.50 -6.91
N GLU B 73 -13.68 9.25 -7.28
CA GLU B 73 -12.31 8.76 -7.26
C GLU B 73 -11.41 9.56 -8.19
N ASP B 74 -11.90 9.84 -9.39
CA ASP B 74 -11.16 10.64 -10.37
C ASP B 74 -10.87 12.02 -9.81
N TYR B 75 -11.88 12.63 -9.22
CA TYR B 75 -11.72 13.97 -8.65
C TYR B 75 -10.64 13.96 -7.59
N ILE B 76 -10.73 12.98 -6.69
CA ILE B 76 -9.76 12.83 -5.61
C ILE B 76 -8.34 12.72 -6.15
N ASP B 77 -8.13 11.82 -7.08
CA ASP B 77 -6.80 11.61 -7.66
C ASP B 77 -6.29 12.87 -8.35
N ASN B 78 -7.14 13.54 -9.12
CA ASN B 78 -6.72 14.75 -9.83
C ASN B 78 -6.40 15.88 -8.86
N LEU B 79 -7.19 15.99 -7.81
CA LEU B 79 -6.90 16.97 -6.77
C LEU B 79 -5.58 16.64 -6.08
N LEU B 80 -5.37 15.36 -5.78
CA LEU B 80 -4.18 14.94 -5.04
C LEU B 80 -2.88 15.17 -5.82
N VAL B 81 -2.95 15.06 -7.15
CA VAL B 81 -1.77 15.35 -7.98
C VAL B 81 -1.30 16.77 -7.68
N ARG B 82 -2.26 17.69 -7.61
CA ARG B 82 -1.95 19.10 -7.39
C ARG B 82 -1.45 19.33 -5.97
N VAL B 83 -2.10 18.69 -5.00
CA VAL B 83 -1.68 18.81 -3.60
C VAL B 83 -0.26 18.25 -3.44
N MET B 84 -0.02 17.09 -4.01
CA MET B 84 1.28 16.42 -3.88
C MET B 84 2.40 17.25 -4.50
N GLU B 85 2.10 17.94 -5.59
CA GLU B 85 3.12 18.71 -6.31
C GLU B 85 3.32 20.09 -5.70
N GLU B 86 2.28 20.57 -5.02
CA GLU B 86 2.26 21.94 -4.53
C GLU B 86 2.46 22.05 -3.01
N THR B 87 1.71 21.27 -2.25
CA THR B 87 1.77 21.34 -0.79
C THR B 87 1.54 19.96 -0.18
N PRO B 88 2.50 19.04 -0.39
CA PRO B 88 2.35 17.65 0.08
C PRO B 88 2.19 17.52 1.60
N SER B 89 2.64 18.50 2.36
CA SER B 89 2.54 18.44 3.82
C SER B 89 1.08 18.32 4.28
N ILE B 90 0.16 18.73 3.41
CA ILE B 90 -1.28 18.61 3.70
C ILE B 90 -1.68 17.15 3.90
N LEU B 91 -0.93 16.22 3.31
CA LEU B 91 -1.30 14.80 3.32
C LEU B 91 -0.65 14.03 4.45
N ARG B 92 0.02 14.74 5.33
CA ARG B 92 0.71 14.09 6.41
C ARG B 92 -0.23 13.65 7.53
N VAL B 93 0.12 12.55 8.19
CA VAL B 93 -0.61 12.06 9.36
C VAL B 93 0.37 11.96 10.53
N PRO B 94 0.11 12.69 11.64
CA PRO B 94 -1.00 13.62 11.84
C PRO B 94 -0.77 14.92 11.07
N TYR B 95 -1.83 15.64 10.76
CA TYR B 95 -1.74 16.86 9.97
C TYR B 95 -1.25 18.05 10.79
N GLU B 96 -0.20 18.70 10.33
CA GLU B 96 0.32 19.91 10.96
C GLU B 96 0.29 21.11 10.00
N PRO B 97 -0.57 22.10 10.28
CA PRO B 97 -0.69 23.26 9.37
C PRO B 97 0.55 24.15 9.31
N SER B 98 0.84 24.69 8.12
CA SER B 98 1.93 25.64 7.95
C SER B 98 1.38 27.07 7.94
#